data_4AW5
#
_entry.id   4AW5
#
_cell.length_a   46.657
_cell.length_b   53.978
_cell.length_c   63.242
_cell.angle_alpha   90.00
_cell.angle_beta   111.06
_cell.angle_gamma   90.00
#
_symmetry.space_group_name_H-M   'P 1 21 1'
#
loop_
_entity.id
_entity.type
_entity.pdbx_description
1 polymer 'EPHRIN TYPE-B RECEPTOR 4'
2 non-polymer (3Z)-5-[(1-ethylpiperidin-4-yl)amino]-3-[(5-methoxy-1H-benzimidazol-2-yl)(phenyl)methylidene]-1,3-dihydro-2H-indol-2-one
3 water water
#
_entity_poly.entity_id   1
_entity_poly.type   'polypeptide(L)'
_entity_poly.pdbx_seq_one_letter_code
;PWGSMEFAKEIDVSYVKIEEVIGAGEFGEVCRGRLKAPGKKESCVAIKTLKGGYTERQRREFLSEASIMGQFEHPNIIRL
EGVVTNSMPVMILTEFMENGALDSFLRLNDGQFTVIQLVGMLRGIASGMRYLAEMSYVHRDLAARNILVNSNLVCKVSDF
GLSRFLEENSSDPTYTSSLGGKIPIRWTAPEAIAFRKFTSASDAWSYGIVMWEVMSFGERPYWDMSNQDVINAIEQDYRL
PPPPDCPTSLHQLMLDCWQKDRNARPRFPQVVSALDKMIRNPASLKIVARE
;
_entity_poly.pdbx_strand_id   A
#
# COMPACT_ATOMS: atom_id res chain seq x y z
N ALA A 8 6.67 17.36 -15.26
CA ALA A 8 5.55 18.20 -15.82
C ALA A 8 4.96 19.18 -14.78
N LYS A 9 5.21 18.90 -13.49
CA LYS A 9 4.67 19.69 -12.36
C LYS A 9 5.77 20.39 -11.55
N GLU A 10 6.69 21.09 -12.22
CA GLU A 10 7.72 21.89 -11.53
C GLU A 10 7.06 23.00 -10.68
N ILE A 11 7.37 23.05 -9.39
CA ILE A 11 6.69 23.94 -8.45
C ILE A 11 7.69 24.90 -7.82
N ASP A 12 7.34 26.19 -7.79
CA ASP A 12 8.21 27.23 -7.25
C ASP A 12 8.36 27.03 -5.76
N VAL A 13 9.58 27.24 -5.26
CA VAL A 13 9.93 26.89 -3.88
C VAL A 13 9.41 27.88 -2.83
N SER A 14 9.12 29.10 -3.26
CA SER A 14 8.42 30.08 -2.41
C SER A 14 6.94 29.69 -2.14
N TYR A 15 6.44 28.68 -2.84
CA TYR A 15 5.05 28.22 -2.68
C TYR A 15 4.88 27.12 -1.61
N VAL A 16 5.99 26.65 -1.02
CA VAL A 16 5.98 25.59 -0.01
C VAL A 16 6.49 26.13 1.33
N LYS A 17 5.73 25.93 2.40
CA LYS A 17 6.18 26.15 3.79
C LYS A 17 6.25 24.81 4.56
N ILE A 18 7.47 24.32 4.85
CA ILE A 18 7.71 23.08 5.60
C ILE A 18 7.41 23.33 7.09
N GLU A 19 6.61 22.46 7.73
CA GLU A 19 6.02 22.74 9.04
C GLU A 19 6.47 21.86 10.23
N GLU A 20 6.95 20.64 9.99
CA GLU A 20 6.95 19.62 11.06
C GLU A 20 7.41 18.28 10.51
N VAL A 21 8.44 17.68 11.10
CA VAL A 21 8.86 16.36 10.65
C VAL A 21 7.83 15.34 11.18
N ILE A 22 7.42 14.40 10.34
CA ILE A 22 6.41 13.37 10.69
C ILE A 22 6.84 11.91 10.44
N GLY A 23 7.93 11.72 9.71
CA GLY A 23 8.47 10.40 9.48
C GLY A 23 9.87 10.47 8.87
N ALA A 24 10.33 9.31 8.41
CA ALA A 24 11.63 9.17 7.78
C ALA A 24 11.57 8.05 6.76
N GLY A 25 11.58 8.40 5.48
CA GLY A 25 11.61 7.43 4.40
C GLY A 25 13.04 7.00 4.16
N GLU A 26 13.26 6.11 3.19
CA GLU A 26 14.56 5.47 3.04
C GLU A 26 15.72 6.46 2.73
N PHE A 27 15.42 7.61 2.11
CA PHE A 27 16.48 8.55 1.71
C PHE A 27 16.40 9.95 2.37
N GLY A 28 15.61 10.10 3.41
CA GLY A 28 15.55 11.37 4.13
C GLY A 28 14.36 11.54 5.05
N GLU A 29 14.14 12.78 5.50
CA GLU A 29 13.00 13.12 6.36
C GLU A 29 11.72 13.21 5.52
N VAL A 30 10.58 13.00 6.18
CA VAL A 30 9.28 13.27 5.59
C VAL A 30 8.62 14.28 6.51
N CYS A 31 8.08 15.35 5.92
CA CYS A 31 7.46 16.45 6.66
C CYS A 31 6.01 16.74 6.21
N ARG A 32 5.23 17.31 7.11
CA ARG A 32 3.96 17.94 6.79
C ARG A 32 4.23 19.39 6.43
N GLY A 33 3.33 19.96 5.65
CA GLY A 33 3.50 21.29 5.09
C GLY A 33 2.28 21.86 4.35
N ARG A 34 2.46 23.07 3.82
CA ARG A 34 1.43 23.83 3.11
C ARG A 34 1.91 24.21 1.72
N LEU A 35 1.08 23.97 0.73
CA LEU A 35 1.29 24.40 -0.64
C LEU A 35 0.24 25.46 -0.99
N LYS A 36 0.69 26.52 -1.69
CA LYS A 36 -0.14 27.69 -2.07
C LYS A 36 0.49 28.36 -3.31
N ALA A 37 -0.17 28.19 -4.46
CA ALA A 37 0.25 28.81 -5.71
C ALA A 37 -0.77 29.91 -6.07
N PRO A 38 -0.36 30.96 -6.80
CA PRO A 38 -1.28 32.00 -7.27
C PRO A 38 -2.55 31.45 -7.93
N GLY A 39 -3.72 31.82 -7.39
CA GLY A 39 -4.99 31.52 -8.02
C GLY A 39 -5.68 30.28 -7.51
N LYS A 40 -4.99 29.52 -6.66
CA LYS A 40 -5.55 28.28 -6.12
C LYS A 40 -5.66 28.37 -4.59
N LYS A 41 -6.50 27.52 -4.02
CA LYS A 41 -6.61 27.45 -2.56
C LYS A 41 -5.32 26.90 -1.99
N GLU A 42 -5.07 27.24 -0.73
CA GLU A 42 -4.05 26.59 0.09
C GLU A 42 -4.52 25.15 0.41
N SER A 43 -3.60 24.20 0.25
CA SER A 43 -3.85 22.82 0.63
C SER A 43 -2.71 22.23 1.49
N CYS A 44 -3.05 21.09 2.08
CA CYS A 44 -2.14 20.31 2.89
C CYS A 44 -1.36 19.26 2.06
N VAL A 45 -0.05 19.17 2.26
CA VAL A 45 0.79 18.17 1.59
C VAL A 45 1.81 17.49 2.53
N ALA A 46 2.15 16.24 2.25
CA ALA A 46 3.38 15.64 2.77
C ALA A 46 4.52 15.98 1.82
N ILE A 47 5.72 16.15 2.36
CA ILE A 47 6.92 16.55 1.62
C ILE A 47 8.07 15.57 1.90
N LYS A 48 8.60 14.93 0.86
CA LYS A 48 9.77 14.03 1.00
C LYS A 48 11.00 14.78 0.50
N THR A 49 12.06 14.79 1.30
CA THR A 49 13.29 15.52 0.96
C THR A 49 14.49 14.61 0.81
N LEU A 50 15.52 15.17 0.20
CA LEU A 50 16.80 14.51 0.00
C LEU A 50 17.90 15.57 0.22
N LYS A 51 18.52 15.55 1.39
CA LYS A 51 19.49 16.57 1.82
C LYS A 51 20.90 16.27 1.26
N GLY A 52 21.84 17.23 1.41
CA GLY A 52 23.17 17.15 0.83
C GLY A 52 23.94 15.84 1.06
N GLY A 53 24.52 15.30 -0.02
CA GLY A 53 25.36 14.10 0.01
C GLY A 53 24.72 12.85 -0.61
N TYR A 54 24.87 12.71 -1.93
CA TYR A 54 24.18 11.66 -2.70
C TYR A 54 24.73 11.54 -4.15
N THR A 55 24.55 10.38 -4.80
CA THR A 55 25.01 10.21 -6.19
C THR A 55 23.98 10.78 -7.19
N GLU A 56 24.26 10.68 -8.49
CA GLU A 56 23.38 11.23 -9.55
C GLU A 56 22.38 10.20 -10.05
N ARG A 57 22.63 8.93 -9.74
CA ARG A 57 21.66 7.86 -9.99
C ARG A 57 20.77 7.61 -8.74
N GLN A 58 21.29 7.96 -7.55
CA GLN A 58 20.46 8.01 -6.34
C GLN A 58 19.35 9.10 -6.49
N ARG A 59 19.71 10.26 -7.06
CA ARG A 59 18.78 11.37 -7.32
C ARG A 59 17.69 11.02 -8.34
N ARG A 60 18.07 10.36 -9.43
CA ARG A 60 17.12 9.96 -10.48
C ARG A 60 16.23 8.78 -10.04
N GLU A 61 16.63 8.07 -8.97
CA GLU A 61 15.84 6.97 -8.38
C GLU A 61 14.81 7.48 -7.33
N PHE A 62 15.20 8.51 -6.57
CA PHE A 62 14.30 9.27 -5.69
C PHE A 62 13.18 9.84 -6.53
N LEU A 63 13.55 10.52 -7.60
CA LEU A 63 12.63 11.19 -8.49
C LEU A 63 11.92 10.23 -9.43
N SER A 64 12.36 8.98 -9.49
CA SER A 64 11.63 7.94 -10.23
C SER A 64 10.24 7.73 -9.60
N GLU A 65 10.17 7.82 -8.27
CA GLU A 65 8.90 7.80 -7.56
C GLU A 65 7.88 8.80 -8.10
N ALA A 66 8.32 10.02 -8.36
CA ALA A 66 7.41 11.09 -8.78
C ALA A 66 6.95 10.95 -10.23
N SER A 67 7.85 10.50 -11.10
CA SER A 67 7.53 10.25 -12.52
C SER A 67 6.45 9.19 -12.66
N ILE A 68 6.68 8.01 -12.08
CA ILE A 68 5.66 6.96 -12.12
C ILE A 68 4.36 7.36 -11.40
N MET A 69 4.47 8.02 -10.26
CA MET A 69 3.29 8.45 -9.49
C MET A 69 2.44 9.53 -10.20
N GLY A 70 3.07 10.38 -11.01
CA GLY A 70 2.36 11.39 -11.79
C GLY A 70 1.60 10.82 -12.98
N GLN A 71 1.88 9.56 -13.30
CA GLN A 71 1.09 8.80 -14.25
C GLN A 71 -0.35 8.47 -13.82
N PHE A 72 -0.58 8.33 -12.52
CA PHE A 72 -1.86 7.78 -12.03
C PHE A 72 -2.83 8.84 -11.53
N GLU A 73 -4.11 8.49 -11.56
CA GLU A 73 -5.18 9.32 -11.04
C GLU A 73 -6.34 8.36 -10.64
N HIS A 74 -6.52 8.19 -9.34
CA HIS A 74 -7.46 7.26 -8.76
C HIS A 74 -7.58 7.59 -7.29
N PRO A 75 -8.80 7.57 -6.71
CA PRO A 75 -8.98 7.89 -5.28
C PRO A 75 -8.28 6.96 -4.28
N ASN A 76 -7.86 5.75 -4.69
CA ASN A 76 -7.05 4.86 -3.83
C ASN A 76 -5.55 4.77 -4.22
N ILE A 77 -5.05 5.79 -4.91
CA ILE A 77 -3.61 5.91 -5.26
C ILE A 77 -3.15 7.30 -4.82
N ILE A 78 -2.04 7.39 -4.09
CA ILE A 78 -1.62 8.66 -3.51
C ILE A 78 -1.32 9.69 -4.61
N ARG A 79 -1.74 10.93 -4.44
CA ARG A 79 -1.66 11.93 -5.53
C ARG A 79 -0.30 12.68 -5.49
N LEU A 80 0.31 12.91 -6.62
CA LEU A 80 1.50 13.81 -6.70
C LEU A 80 1.05 15.25 -6.89
N GLU A 81 1.35 16.11 -5.93
CA GLU A 81 1.09 17.55 -6.06
C GLU A 81 2.15 18.25 -6.91
N GLY A 82 3.41 17.86 -6.74
CA GLY A 82 4.47 18.38 -7.58
C GLY A 82 5.86 18.08 -7.10
N VAL A 83 6.85 18.62 -7.80
CA VAL A 83 8.25 18.44 -7.44
C VAL A 83 9.02 19.78 -7.41
N VAL A 84 10.17 19.72 -6.75
CA VAL A 84 11.10 20.82 -6.60
C VAL A 84 12.50 20.28 -6.93
N THR A 85 12.99 20.54 -8.15
CA THR A 85 14.27 19.99 -8.62
C THR A 85 15.31 21.07 -8.91
N ASN A 86 14.89 22.16 -9.56
CA ASN A 86 15.78 23.25 -9.95
C ASN A 86 16.62 23.90 -8.81
N SER A 87 16.30 23.60 -7.54
CA SER A 87 17.02 24.12 -6.36
C SER A 87 17.43 22.99 -5.36
N MET A 88 17.76 23.35 -4.11
CA MET A 88 18.11 22.39 -3.05
C MET A 88 17.64 22.87 -1.66
N PRO A 89 17.16 21.98 -0.77
CA PRO A 89 17.02 20.54 -1.00
C PRO A 89 15.98 20.14 -2.05
N VAL A 90 16.17 18.94 -2.61
CA VAL A 90 15.27 18.35 -3.64
C VAL A 90 14.04 17.76 -2.91
N MET A 91 12.88 17.77 -3.59
CA MET A 91 11.59 17.46 -2.95
C MET A 91 10.56 16.83 -3.88
N ILE A 92 9.81 15.90 -3.30
CA ILE A 92 8.55 15.39 -3.84
C ILE A 92 7.40 15.79 -2.91
N LEU A 93 6.36 16.39 -3.47
CA LEU A 93 5.19 16.81 -2.66
C LEU A 93 3.99 15.93 -2.99
N THR A 94 3.40 15.32 -1.98
CA THR A 94 2.27 14.42 -2.18
C THR A 94 1.19 14.77 -1.20
N GLU A 95 0.15 13.94 -1.15
CA GLU A 95 -0.98 14.28 -0.36
C GLU A 95 -0.73 13.83 1.08
N PHE A 96 -1.12 14.69 2.05
CA PHE A 96 -0.89 14.44 3.46
C PHE A 96 -2.00 13.48 3.92
N MET A 97 -1.62 12.48 4.71
CA MET A 97 -2.49 11.32 5.07
C MET A 97 -2.52 11.25 6.60
N GLU A 98 -3.59 11.75 7.18
CA GLU A 98 -3.71 12.04 8.64
C GLU A 98 -3.45 10.88 9.57
N ASN A 99 -3.81 9.68 9.17
CA ASN A 99 -3.61 8.48 10.03
C ASN A 99 -2.39 7.61 9.63
N GLY A 100 -1.50 8.15 8.79
CA GLY A 100 -0.18 7.56 8.50
C GLY A 100 -0.27 6.12 7.98
N ALA A 101 0.76 5.32 8.21
CA ALA A 101 0.84 3.97 7.65
C ALA A 101 -0.24 3.04 8.20
N LEU A 102 -0.78 2.18 7.36
CA LEU A 102 -1.92 1.32 7.71
C LEU A 102 -1.65 0.27 8.79
N ASP A 103 -0.49 -0.36 8.78
CA ASP A 103 -0.18 -1.40 9.80
C ASP A 103 -0.09 -0.82 11.20
N SER A 104 0.63 0.30 11.33
CA SER A 104 0.76 0.94 12.62
C SER A 104 -0.54 1.68 13.04
N PHE A 105 -1.35 2.15 12.08
CA PHE A 105 -2.69 2.67 12.40
C PHE A 105 -3.61 1.61 13.05
N LEU A 106 -3.61 0.39 12.52
CA LEU A 106 -4.45 -0.72 13.05
C LEU A 106 -3.97 -1.29 14.37
N ARG A 107 -2.66 -1.42 14.58
CA ARG A 107 -2.09 -1.84 15.87
C ARG A 107 -2.47 -0.84 16.93
N LEU A 108 -2.32 0.44 16.62
CA LEU A 108 -2.82 1.48 17.50
C LEU A 108 -4.31 1.27 17.86
N ASN A 109 -5.09 0.81 16.90
CA ASN A 109 -6.54 0.81 17.05
C ASN A 109 -7.07 -0.60 17.17
N ASP A 110 -6.33 -1.44 17.86
CA ASP A 110 -6.49 -2.88 17.79
C ASP A 110 -7.80 -3.33 18.42
N GLY A 111 -8.57 -4.11 17.68
CA GLY A 111 -9.89 -4.53 18.14
C GLY A 111 -10.97 -3.47 18.07
N GLN A 112 -10.67 -2.30 17.48
CA GLN A 112 -11.50 -1.12 17.68
C GLN A 112 -12.32 -0.64 16.49
N PHE A 113 -12.11 -1.25 15.33
CA PHE A 113 -12.94 -1.00 14.17
C PHE A 113 -13.77 -2.29 13.85
N THR A 114 -14.98 -2.13 13.29
CA THR A 114 -15.88 -3.22 12.91
C THR A 114 -15.37 -3.95 11.66
N VAL A 115 -15.85 -5.18 11.43
CA VAL A 115 -15.47 -5.96 10.25
C VAL A 115 -15.81 -5.22 8.95
N ILE A 116 -16.97 -4.58 8.92
CA ILE A 116 -17.44 -3.78 7.77
C ILE A 116 -16.47 -2.62 7.43
N GLN A 117 -15.91 -2.01 8.47
CA GLN A 117 -14.99 -0.90 8.28
C GLN A 117 -13.69 -1.46 7.73
N LEU A 118 -13.26 -2.64 8.22
CA LEU A 118 -12.02 -3.28 7.81
C LEU A 118 -12.15 -3.74 6.36
N VAL A 119 -13.34 -4.20 6.00
CA VAL A 119 -13.63 -4.60 4.64
C VAL A 119 -13.66 -3.43 3.69
N GLY A 120 -14.08 -2.27 4.16
CA GLY A 120 -14.09 -1.08 3.32
C GLY A 120 -12.66 -0.61 3.04
N MET A 121 -11.76 -0.77 4.02
CA MET A 121 -10.35 -0.46 3.81
C MET A 121 -9.78 -1.34 2.70
N LEU A 122 -10.05 -2.64 2.80
CA LEU A 122 -9.52 -3.65 1.91
C LEU A 122 -10.10 -3.49 0.50
N ARG A 123 -11.31 -3.00 0.44
CA ARG A 123 -11.95 -2.76 -0.86
C ARG A 123 -11.34 -1.54 -1.60
N GLY A 124 -10.96 -0.50 -0.85
CA GLY A 124 -10.27 0.66 -1.40
C GLY A 124 -8.89 0.24 -1.91
N ILE A 125 -8.13 -0.51 -1.11
CA ILE A 125 -6.82 -1.00 -1.55
C ILE A 125 -7.01 -1.86 -2.78
N ALA A 126 -7.99 -2.79 -2.79
CA ALA A 126 -8.22 -3.63 -4.00
C ALA A 126 -8.57 -2.81 -5.26
N SER A 127 -9.27 -1.71 -5.05
CA SER A 127 -9.69 -0.86 -6.13
C SER A 127 -8.47 -0.16 -6.71
N GLY A 128 -7.58 0.30 -5.84
CA GLY A 128 -6.32 0.89 -6.30
C GLY A 128 -5.49 -0.14 -7.02
N MET A 129 -5.49 -1.38 -6.51
CA MET A 129 -4.81 -2.51 -7.19
C MET A 129 -5.41 -2.91 -8.56
N ARG A 130 -6.72 -2.94 -8.62
CA ARG A 130 -7.45 -3.15 -9.85
C ARG A 130 -7.10 -2.08 -10.91
N TYR A 131 -6.96 -0.82 -10.48
CA TYR A 131 -6.58 0.26 -11.42
C TYR A 131 -5.14 0.15 -11.90
N LEU A 132 -4.18 -0.08 -11.01
CA LEU A 132 -2.76 -0.35 -11.39
C LEU A 132 -2.59 -1.50 -12.37
N ALA A 133 -3.29 -2.61 -12.15
CA ALA A 133 -3.27 -3.81 -13.03
C ALA A 133 -3.81 -3.52 -14.43
N GLU A 134 -4.84 -2.67 -14.48
CA GLU A 134 -5.43 -2.19 -15.72
C GLU A 134 -4.45 -1.31 -16.53
N MET A 135 -3.64 -0.51 -15.84
CA MET A 135 -2.58 0.30 -16.47
C MET A 135 -1.28 -0.50 -16.73
N SER A 136 -1.32 -1.84 -16.60
CA SER A 136 -0.12 -2.73 -16.71
C SER A 136 1.05 -2.41 -15.82
N TYR A 137 0.80 -1.87 -14.63
CA TYR A 137 1.84 -1.63 -13.64
C TYR A 137 1.76 -2.67 -12.52
N VAL A 138 2.89 -3.31 -12.27
CA VAL A 138 3.02 -4.42 -11.35
C VAL A 138 3.73 -3.79 -10.16
N HIS A 139 3.11 -3.76 -8.99
CA HIS A 139 3.70 -3.03 -7.87
C HIS A 139 5.00 -3.63 -7.25
N ARG A 140 5.00 -4.96 -7.09
CA ARG A 140 6.06 -5.78 -6.44
C ARG A 140 6.29 -5.63 -4.94
N ASP A 141 5.73 -4.62 -4.30
CA ASP A 141 6.04 -4.33 -2.89
C ASP A 141 4.76 -3.98 -2.09
N LEU A 142 3.63 -4.53 -2.55
CA LEU A 142 2.34 -4.41 -1.84
C LEU A 142 2.41 -4.98 -0.43
N ALA A 143 2.20 -4.10 0.55
CA ALA A 143 2.23 -4.48 1.96
C ALA A 143 1.56 -3.39 2.78
N ALA A 144 1.08 -3.76 3.97
CA ALA A 144 0.29 -2.81 4.74
C ALA A 144 1.12 -1.58 5.14
N ARG A 145 2.45 -1.74 5.22
CA ARG A 145 3.34 -0.59 5.54
C ARG A 145 3.46 0.44 4.39
N ASN A 146 3.12 0.04 3.16
CA ASN A 146 3.04 0.92 2.00
C ASN A 146 1.64 1.37 1.64
N ILE A 147 0.66 1.20 2.54
CA ILE A 147 -0.69 1.79 2.36
C ILE A 147 -0.86 2.86 3.44
N LEU A 148 -1.37 4.02 3.03
CA LEU A 148 -1.55 5.17 3.94
C LEU A 148 -3.05 5.43 4.11
N VAL A 149 -3.44 5.98 5.25
CA VAL A 149 -4.85 6.16 5.64
C VAL A 149 -5.16 7.64 5.97
N ASN A 150 -6.21 8.22 5.40
CA ASN A 150 -6.54 9.63 5.64
C ASN A 150 -7.64 9.74 6.73
N SER A 151 -8.10 10.94 7.06
CA SER A 151 -9.01 11.21 8.21
C SER A 151 -10.36 10.47 8.12
N ASN A 152 -10.87 10.26 6.90
CA ASN A 152 -12.10 9.48 6.67
C ASN A 152 -11.85 7.96 6.48
N LEU A 153 -10.66 7.47 6.80
CA LEU A 153 -10.29 6.03 6.70
C LEU A 153 -10.18 5.49 5.27
N VAL A 154 -9.99 6.39 4.33
CA VAL A 154 -9.74 6.04 2.94
C VAL A 154 -8.27 5.59 2.85
N CYS A 155 -8.08 4.40 2.30
CA CYS A 155 -6.78 3.74 2.14
C CYS A 155 -6.23 3.98 0.72
N LYS A 156 -4.93 4.26 0.63
CA LYS A 156 -4.29 4.65 -0.62
C LYS A 156 -2.92 4.01 -0.68
N VAL A 157 -2.67 3.30 -1.77
CA VAL A 157 -1.36 2.78 -2.10
C VAL A 157 -0.33 3.89 -2.39
N SER A 158 0.77 3.81 -1.64
CA SER A 158 1.99 4.56 -1.88
C SER A 158 3.19 3.62 -2.23
N ASP A 159 4.39 4.14 -1.95
CA ASP A 159 5.63 3.31 -2.33
CA ASP A 159 5.71 3.68 -2.21
C ASP A 159 5.76 3.11 -3.75
N PHE A 160 6.13 4.05 -4.57
CA PHE A 160 6.41 3.74 -5.96
C PHE A 160 7.97 3.90 -6.09
N GLY A 161 8.51 3.75 -7.30
CA GLY A 161 9.96 3.88 -7.51
C GLY A 161 10.57 2.76 -8.34
N ILE A 183 14.21 -8.09 -1.61
CA ILE A 183 12.77 -8.36 -1.78
C ILE A 183 12.07 -8.82 -0.46
N PRO A 184 10.82 -8.40 -0.23
CA PRO A 184 10.14 -8.72 1.03
C PRO A 184 9.54 -10.12 0.95
N ILE A 185 10.32 -11.09 1.44
CA ILE A 185 10.02 -12.49 1.21
C ILE A 185 8.62 -12.84 1.60
N ARG A 186 8.16 -12.42 2.77
CA ARG A 186 6.86 -12.93 3.24
C ARG A 186 5.59 -12.36 2.56
N TRP A 187 5.74 -11.27 1.78
CA TRP A 187 4.64 -10.70 0.98
C TRP A 187 4.63 -11.17 -0.47
N THR A 188 5.66 -11.93 -0.85
CA THR A 188 5.98 -12.24 -2.24
C THR A 188 5.55 -13.67 -2.64
N ALA A 189 4.98 -13.82 -3.83
CA ALA A 189 4.52 -15.12 -4.36
C ALA A 189 5.70 -16.06 -4.67
N PRO A 190 5.51 -17.39 -4.54
CA PRO A 190 6.61 -18.37 -4.73
C PRO A 190 7.39 -18.28 -6.05
N GLU A 191 6.64 -18.14 -7.13
CA GLU A 191 7.21 -18.08 -8.47
C GLU A 191 7.93 -16.74 -8.73
N ALA A 192 7.61 -15.71 -7.94
CA ALA A 192 8.34 -14.42 -7.97
C ALA A 192 9.66 -14.48 -7.17
N ILE A 193 9.68 -15.29 -6.11
CA ILE A 193 10.92 -15.56 -5.37
C ILE A 193 11.92 -16.39 -6.23
N ALA A 194 11.42 -17.51 -6.78
CA ALA A 194 12.26 -18.50 -7.43
C ALA A 194 12.77 -17.96 -8.75
N PHE A 195 11.89 -17.36 -9.57
CA PHE A 195 12.17 -17.03 -10.98
C PHE A 195 12.21 -15.54 -11.35
N ARG A 196 12.05 -14.66 -10.36
CA ARG A 196 11.87 -13.20 -10.58
C ARG A 196 10.78 -12.79 -11.61
N LYS A 197 9.76 -13.63 -11.79
CA LYS A 197 8.60 -13.33 -12.63
C LYS A 197 7.65 -12.60 -11.68
N PHE A 198 7.54 -11.27 -11.85
CA PHE A 198 6.63 -10.44 -11.09
C PHE A 198 5.46 -10.04 -12.00
N THR A 199 4.23 -10.49 -11.67
CA THR A 199 3.00 -10.09 -12.38
C THR A 199 1.94 -9.46 -11.44
N SER A 200 0.82 -9.03 -12.02
CA SER A 200 -0.37 -8.68 -11.27
C SER A 200 -0.88 -9.87 -10.44
N ALA A 201 -0.73 -11.09 -10.93
CA ALA A 201 -1.05 -12.30 -10.14
C ALA A 201 -0.17 -12.52 -8.91
N SER A 202 1.11 -12.15 -8.98
CA SER A 202 1.96 -12.17 -7.77
C SER A 202 1.58 -10.98 -6.80
N ASP A 203 1.13 -9.85 -7.37
CA ASP A 203 0.53 -8.79 -6.55
C ASP A 203 -0.74 -9.27 -5.84
N ALA A 204 -1.48 -10.19 -6.48
CA ALA A 204 -2.68 -10.77 -5.84
C ALA A 204 -2.32 -11.58 -4.62
N TRP A 205 -1.17 -12.27 -4.69
CA TRP A 205 -0.65 -13.04 -3.55
C TRP A 205 -0.38 -12.09 -2.40
N SER A 206 0.38 -11.02 -2.72
CA SER A 206 0.73 -9.97 -1.76
C SER A 206 -0.55 -9.33 -1.18
N TYR A 207 -1.54 -9.09 -2.01
CA TYR A 207 -2.85 -8.60 -1.54
C TYR A 207 -3.50 -9.50 -0.47
N GLY A 208 -3.52 -10.83 -0.67
CA GLY A 208 -4.03 -11.76 0.37
C GLY A 208 -3.27 -11.66 1.70
N ILE A 209 -1.96 -11.42 1.60
CA ILE A 209 -1.19 -11.15 2.84
C ILE A 209 -1.62 -9.78 3.49
N VAL A 210 -1.96 -8.79 2.67
CA VAL A 210 -2.51 -7.55 3.21
C VAL A 210 -3.87 -7.80 3.88
N MET A 211 -4.70 -8.66 3.31
CA MET A 211 -5.99 -8.97 3.95
C MET A 211 -5.77 -9.48 5.34
N TRP A 212 -4.78 -10.36 5.48
CA TRP A 212 -4.43 -11.03 6.74
C TRP A 212 -3.94 -10.02 7.75
N GLU A 213 -2.97 -9.20 7.33
CA GLU A 213 -2.49 -8.06 8.13
C GLU A 213 -3.60 -7.14 8.55
N VAL A 214 -4.50 -6.75 7.65
CA VAL A 214 -5.62 -5.90 8.06
C VAL A 214 -6.53 -6.64 9.09
N MET A 215 -6.96 -7.85 8.78
CA MET A 215 -7.91 -8.56 9.68
C MET A 215 -7.28 -8.97 10.99
N SER A 216 -5.96 -8.98 11.10
CA SER A 216 -5.29 -9.25 12.36
C SER A 216 -4.77 -7.99 13.03
N PHE A 217 -5.35 -6.85 12.68
CA PHE A 217 -4.93 -5.51 13.18
C PHE A 217 -3.41 -5.19 13.16
N GLY A 218 -2.78 -5.54 12.05
CA GLY A 218 -1.35 -5.27 11.86
C GLY A 218 -0.35 -6.23 12.51
N GLU A 219 -0.76 -7.47 12.81
CA GLU A 219 0.20 -8.48 13.20
C GLU A 219 1.15 -8.72 12.01
N ARG A 220 2.40 -9.07 12.31
CA ARG A 220 3.39 -9.40 11.28
C ARG A 220 3.13 -10.80 10.69
N PRO A 221 3.02 -10.92 9.37
CA PRO A 221 2.79 -12.22 8.72
C PRO A 221 3.82 -13.31 9.10
N TYR A 222 3.36 -14.53 9.36
CA TYR A 222 4.26 -15.63 9.77
C TYR A 222 5.12 -15.22 10.99
N TRP A 223 4.49 -14.54 11.95
CA TRP A 223 5.09 -14.14 13.24
C TRP A 223 6.61 -14.45 13.41
N ASP A 224 6.89 -15.62 14.00
CA ASP A 224 8.24 -16.01 14.42
C ASP A 224 9.23 -16.24 13.26
N MET A 225 8.72 -16.87 12.21
CA MET A 225 9.53 -17.57 11.21
C MET A 225 10.52 -16.67 10.46
N SER A 226 11.61 -17.29 10.01
CA SER A 226 12.61 -16.67 9.13
C SER A 226 12.23 -16.81 7.64
N ASN A 227 12.87 -16.02 6.79
CA ASN A 227 12.46 -15.99 5.39
C ASN A 227 12.48 -17.38 4.72
N GLN A 228 13.50 -18.19 5.03
CA GLN A 228 13.67 -19.55 4.50
C GLN A 228 12.67 -20.52 5.18
N ASP A 229 12.39 -20.35 6.47
CA ASP A 229 11.28 -21.09 7.10
C ASP A 229 9.93 -20.83 6.42
N VAL A 230 9.72 -19.58 5.94
CA VAL A 230 8.47 -19.17 5.30
C VAL A 230 8.36 -19.86 3.95
N ILE A 231 9.44 -19.80 3.17
CA ILE A 231 9.53 -20.42 1.84
C ILE A 231 9.34 -21.95 1.86
N ASN A 232 9.83 -22.58 2.93
CA ASN A 232 9.81 -24.04 3.08
C ASN A 232 8.40 -24.47 3.46
N ALA A 233 7.77 -23.69 4.33
CA ALA A 233 6.37 -23.94 4.71
C ALA A 233 5.38 -23.80 3.55
N ILE A 234 5.56 -22.76 2.73
CA ILE A 234 4.68 -22.47 1.58
C ILE A 234 4.74 -23.57 0.52
N GLU A 235 5.97 -23.91 0.11
CA GLU A 235 6.24 -25.06 -0.77
C GLU A 235 5.64 -26.35 -0.19
N GLN A 236 5.64 -26.50 1.15
CA GLN A 236 5.02 -27.67 1.81
C GLN A 236 3.56 -27.48 2.22
N ASP A 237 2.85 -26.58 1.52
CA ASP A 237 1.40 -26.38 1.65
C ASP A 237 0.86 -25.73 2.94
N TYR A 238 1.73 -25.26 3.84
CA TYR A 238 1.27 -24.41 4.96
C TYR A 238 0.71 -23.08 4.41
N ARG A 239 -0.36 -22.59 5.05
CA ARG A 239 -0.99 -21.30 4.78
C ARG A 239 -1.42 -20.69 6.11
N LEU A 240 -1.13 -19.39 6.28
CA LEU A 240 -1.59 -18.62 7.43
C LEU A 240 -3.06 -18.95 7.76
N PRO A 241 -3.35 -19.17 9.04
CA PRO A 241 -4.70 -19.51 9.47
C PRO A 241 -5.55 -18.23 9.57
N PRO A 242 -6.84 -18.37 9.81
CA PRO A 242 -7.67 -17.18 9.99
C PRO A 242 -7.27 -16.43 11.26
N PRO A 243 -7.13 -15.10 11.19
CA PRO A 243 -7.07 -14.29 12.41
C PRO A 243 -8.28 -14.56 13.33
N PRO A 244 -8.12 -14.36 14.63
CA PRO A 244 -9.25 -14.49 15.55
C PRO A 244 -10.41 -13.70 15.02
N ASP A 245 -11.62 -14.26 15.02
CA ASP A 245 -12.85 -13.49 14.71
C ASP A 245 -13.03 -13.14 13.22
N CYS A 246 -12.24 -13.79 12.35
CA CYS A 246 -12.24 -13.46 10.92
C CYS A 246 -13.32 -14.25 10.18
N PRO A 247 -14.27 -13.56 9.53
CA PRO A 247 -15.27 -14.23 8.71
C PRO A 247 -14.61 -15.28 7.79
N THR A 248 -15.31 -16.38 7.58
CA THR A 248 -14.79 -17.51 6.82
C THR A 248 -14.61 -17.19 5.34
N SER A 249 -15.48 -16.35 4.80
CA SER A 249 -15.43 -15.95 3.41
C SER A 249 -14.26 -14.96 3.10
N LEU A 250 -13.72 -14.26 4.11
CA LEU A 250 -12.51 -13.44 3.91
C LEU A 250 -11.30 -14.35 3.89
N HIS A 251 -11.29 -15.34 4.76
CA HIS A 251 -10.20 -16.28 4.80
C HIS A 251 -10.10 -17.07 3.50
N GLN A 252 -11.25 -17.50 2.97
CA GLN A 252 -11.23 -18.30 1.73
C GLN A 252 -10.63 -17.45 0.64
N LEU A 253 -11.06 -16.19 0.58
CA LEU A 253 -10.54 -15.23 -0.38
C LEU A 253 -9.00 -15.05 -0.27
N MET A 254 -8.47 -15.03 0.95
CA MET A 254 -7.03 -15.10 1.19
C MET A 254 -6.38 -16.36 0.60
N LEU A 255 -7.04 -17.52 0.83
CA LEU A 255 -6.54 -18.83 0.34
C LEU A 255 -6.62 -18.94 -1.19
N ASP A 256 -7.69 -18.44 -1.78
CA ASP A 256 -7.76 -18.26 -3.22
C ASP A 256 -6.54 -17.43 -3.76
N CYS A 257 -6.17 -16.31 -3.09
CA CYS A 257 -4.97 -15.50 -3.48
C CYS A 257 -3.63 -16.23 -3.26
N TRP A 258 -3.62 -17.24 -2.41
CA TRP A 258 -2.38 -17.96 -2.08
C TRP A 258 -2.24 -19.29 -2.82
N GLN A 259 -2.96 -19.49 -3.91
CA GLN A 259 -2.77 -20.71 -4.70
C GLN A 259 -1.42 -20.72 -5.42
N LYS A 260 -0.75 -21.86 -5.33
CA LYS A 260 0.57 -22.08 -5.93
C LYS A 260 0.53 -21.73 -7.41
N ASP A 261 -0.53 -22.16 -8.07
CA ASP A 261 -0.75 -21.87 -9.48
C ASP A 261 -1.23 -20.39 -9.68
N ARG A 262 -0.37 -19.55 -10.25
CA ARG A 262 -0.68 -18.12 -10.35
C ARG A 262 -1.90 -17.79 -11.21
N ASN A 263 -2.23 -18.66 -12.16
CA ASN A 263 -3.35 -18.39 -13.06
C ASN A 263 -4.73 -18.74 -12.43
N ALA A 264 -4.76 -19.49 -11.33
CA ALA A 264 -6.01 -19.79 -10.58
C ALA A 264 -6.38 -18.71 -9.51
N ARG A 265 -5.44 -17.81 -9.19
CA ARG A 265 -5.76 -16.71 -8.25
C ARG A 265 -6.83 -15.77 -8.86
N PRO A 266 -7.69 -15.16 -8.05
CA PRO A 266 -8.59 -14.14 -8.62
C PRO A 266 -7.79 -12.95 -9.11
N ARG A 267 -8.16 -12.38 -10.24
CA ARG A 267 -7.68 -11.06 -10.59
C ARG A 267 -8.43 -9.97 -9.78
N PHE A 268 -7.88 -8.76 -9.78
CA PHE A 268 -8.37 -7.71 -8.90
C PHE A 268 -9.80 -7.22 -9.22
N PRO A 269 -10.26 -7.24 -10.46
CA PRO A 269 -11.69 -7.01 -10.69
C PRO A 269 -12.59 -7.98 -9.91
N GLN A 270 -12.23 -9.26 -9.91
CA GLN A 270 -12.96 -10.30 -9.19
C GLN A 270 -12.86 -10.09 -7.71
N VAL A 271 -11.68 -9.73 -7.21
CA VAL A 271 -11.50 -9.40 -5.78
C VAL A 271 -12.44 -8.26 -5.31
N VAL A 272 -12.49 -7.16 -6.05
CA VAL A 272 -13.28 -6.02 -5.62
C VAL A 272 -14.77 -6.38 -5.56
N SER A 273 -15.25 -7.16 -6.53
CA SER A 273 -16.66 -7.52 -6.55
C SER A 273 -17.01 -8.57 -5.49
N ALA A 274 -16.10 -9.50 -5.16
CA ALA A 274 -16.30 -10.38 -4.00
C ALA A 274 -16.50 -9.57 -2.72
N LEU A 275 -15.67 -8.54 -2.51
CA LEU A 275 -15.76 -7.68 -1.34
C LEU A 275 -17.02 -6.82 -1.33
N ASP A 276 -17.40 -6.30 -2.50
CA ASP A 276 -18.66 -5.58 -2.66
C ASP A 276 -19.89 -6.46 -2.28
N LYS A 277 -19.78 -7.78 -2.52
CA LYS A 277 -20.87 -8.72 -2.28
C LYS A 277 -21.01 -8.92 -0.79
N MET A 278 -19.87 -9.02 -0.12
CA MET A 278 -19.85 -9.03 1.33
C MET A 278 -20.51 -7.75 1.92
N ILE A 279 -20.22 -6.58 1.38
CA ILE A 279 -20.69 -5.32 1.98
C ILE A 279 -22.21 -5.14 1.81
N ARG A 280 -22.76 -5.71 0.75
CA ARG A 280 -24.19 -5.59 0.47
C ARG A 280 -24.98 -6.68 1.21
N ASN A 281 -24.29 -7.78 1.53
CA ASN A 281 -24.88 -8.92 2.24
C ASN A 281 -24.19 -9.17 3.57
N PRO A 282 -24.23 -8.20 4.50
CA PRO A 282 -23.44 -8.25 5.75
C PRO A 282 -23.74 -9.40 6.73
N ALA A 283 -24.78 -10.18 6.45
CA ALA A 283 -25.08 -11.38 7.22
C ALA A 283 -24.10 -12.51 6.90
N SER A 284 -23.48 -12.47 5.72
CA SER A 284 -22.40 -13.42 5.37
C SER A 284 -21.07 -13.18 6.15
N LEU A 285 -20.88 -12.00 6.73
CA LEU A 285 -19.69 -11.73 7.56
C LEU A 285 -19.84 -12.14 9.05
N LYS A 286 -21.01 -12.65 9.46
CA LYS A 286 -21.22 -13.12 10.83
C LYS A 286 -20.71 -14.55 11.07
N ILE A 287 -20.59 -15.35 9.99
CA ILE A 287 -20.26 -16.79 10.14
C ILE A 287 -18.72 -17.04 10.23
N VAL A 288 -18.33 -17.81 11.25
CA VAL A 288 -16.92 -18.07 11.63
C VAL A 288 -16.82 -19.47 12.25
N ALA A 289 -15.67 -20.13 12.11
CA ALA A 289 -15.48 -21.51 12.58
C ALA A 289 -16.32 -21.83 13.81
#